data_1QZA
# 
_entry.id   1QZA 
# 
_audit_conform.dict_name       mmcif_pdbx.dic 
_audit_conform.dict_version    5.386 
_audit_conform.dict_location   http://mmcif.pdb.org/dictionaries/ascii/mmcif_pdbx.dic 
# 
loop_
_database_2.database_id 
_database_2.database_code 
_database_2.pdbx_database_accession 
_database_2.pdbx_DOI 
PDB   1QZA         pdb_00001qza 10.2210/pdb1qza/pdb 
RCSB  RCSB020251   ?            ?                   
WWPDB D_1000020251 ?            ?                   
# 
loop_
_pdbx_audit_revision_history.ordinal 
_pdbx_audit_revision_history.data_content_type 
_pdbx_audit_revision_history.major_revision 
_pdbx_audit_revision_history.minor_revision 
_pdbx_audit_revision_history.revision_date 
1 'Structure model' 1 0 2003-11-04 
2 'Structure model' 1 1 2008-04-29 
3 'Structure model' 1 2 2011-07-13 
4 'Structure model' 1 3 2024-02-14 
# 
_pdbx_audit_revision_details.ordinal             1 
_pdbx_audit_revision_details.revision_ordinal    1 
_pdbx_audit_revision_details.data_content_type   'Structure model' 
_pdbx_audit_revision_details.provider            repository 
_pdbx_audit_revision_details.type                'Initial release' 
_pdbx_audit_revision_details.description         ? 
_pdbx_audit_revision_details.details             ? 
# 
loop_
_pdbx_audit_revision_group.ordinal 
_pdbx_audit_revision_group.revision_ordinal 
_pdbx_audit_revision_group.data_content_type 
_pdbx_audit_revision_group.group 
1 2 'Structure model' 'Version format compliance' 
2 3 'Structure model' 'Version format compliance' 
3 4 'Structure model' 'Data collection'           
4 4 'Structure model' 'Database references'       
5 4 'Structure model' 'Refinement description'    
# 
loop_
_pdbx_audit_revision_category.ordinal 
_pdbx_audit_revision_category.revision_ordinal 
_pdbx_audit_revision_category.data_content_type 
_pdbx_audit_revision_category.category 
1 4 'Structure model' chem_comp_atom                
2 4 'Structure model' chem_comp_bond                
3 4 'Structure model' database_2                    
4 4 'Structure model' em_3d_fitting_list            
5 4 'Structure model' em_image_scans                
6 4 'Structure model' pdbx_initial_refinement_model 
# 
loop_
_pdbx_audit_revision_item.ordinal 
_pdbx_audit_revision_item.revision_ordinal 
_pdbx_audit_revision_item.data_content_type 
_pdbx_audit_revision_item.item 
1 4 'Structure model' '_database_2.pdbx_DOI'                            
2 4 'Structure model' '_database_2.pdbx_database_accession'             
3 4 'Structure model' '_em_3d_fitting_list.accession_code'              
4 4 'Structure model' '_em_3d_fitting_list.initial_refinement_model_id' 
5 4 'Structure model' '_em_3d_fitting_list.source_name'                 
6 4 'Structure model' '_em_3d_fitting_list.type'                        
# 
_pdbx_database_status.status_code                     REL 
_pdbx_database_status.entry_id                        1QZA 
_pdbx_database_status.recvd_initial_deposition_date   2003-09-16 
_pdbx_database_status.deposit_site                    RCSB 
_pdbx_database_status.process_site                    RCSB 
_pdbx_database_status.SG_entry                        . 
_pdbx_database_status.status_code_sf                  ? 
_pdbx_database_status.status_code_mr                  ? 
_pdbx_database_status.pdb_format_compatible           Y 
_pdbx_database_status.status_code_cs                  ? 
_pdbx_database_status.status_code_nmr_data            ? 
_pdbx_database_status.methods_development_category    ? 
# 
loop_
_pdbx_database_related.db_name 
_pdbx_database_related.db_id 
_pdbx_database_related.details 
_pdbx_database_related.content_type 
PDB  1OB2     'E. coli elongation factor EF-Tu complexed with the antibiotic kirromycin, a GTP analog, and Phe-tRNA' unspecified 
PDB  1QZB     'Coordinates of the A-site tRNA model fitted into the cryo-EM map of 70S ribosome in the pre-translocational state' 
unspecified            
PDB  1QZC     
;Coordinates of S12, SH44, LH69 and SRL separately fitted into the cryo-EM map of EF-Tu ternary complex (GDP.Kirromycin)bound 70S ribosome
;
unspecified            
PDB  1QZD     
'EF-Tu.kirromycin coordinates fitted into the cryo-EM map of EF-Tu ternary complex (GDP.Kirromycin)bound 70S ribosome' unspecified 
PDB  1R2W     'COORDINATES OF L11 WITH 58NTS OF 23S RRNA FITTED INTO THE CRYO-EM MAP OF THE 70S RIBOSOME' unspecified            
PDB  1R2X     
'COORDINATES OF L11 WITH 58NTS OF 23S RRNA FITTED INTO THE CRYO-EM MAP OF EF-TU TERNARY COMPLEX (GDP.KIRROMYCIN) BOUND 70S RIBOSOME' 
unspecified            
EMDB EMD-1055 . 'associated EM volume' 
# 
loop_
_audit_author.name 
_audit_author.pdbx_ordinal 
'Valle, M.'     1  
'Zavialov, A.'  2  
'Li, W.'        3  
'Stagg, S.M.'   4  
'Sengupta, J.'  5  
'Nielsen, R.C.' 6  
'Nissen, P.'    7  
'Harvey, S.C.'  8  
'Ehrenberg, M.' 9  
'Frank, J.'     10 
# 
_citation.id                        primary 
_citation.title                     'Incorporation of Aminoacyl-tRNA into the Ribosome as seen by Cryo-electron Microscopy' 
_citation.journal_abbrev            Nat.Struct.Biol. 
_citation.journal_volume            10 
_citation.page_first                899 
_citation.page_last                 906 
_citation.year                      2003 
_citation.journal_id_ASTM           NSBIEW 
_citation.country                   US 
_citation.journal_id_ISSN           1072-8368 
_citation.journal_id_CSD            2024 
_citation.book_publisher            ? 
_citation.pdbx_database_id_PubMed   14566331 
_citation.pdbx_database_id_DOI      10.1038/nsb1003 
# 
loop_
_citation_author.citation_id 
_citation_author.name 
_citation_author.ordinal 
_citation_author.identifier_ORCID 
primary 'Valle, M.'     1  ? 
primary 'Zavialov, A.'  2  ? 
primary 'Li, W.'        3  ? 
primary 'Stagg, S.M.'   4  ? 
primary 'Sengupta, J.'  5  ? 
primary 'Nielsen, R.C.' 6  ? 
primary 'Nissen, P.'    7  ? 
primary 'Harvey, S.C.'  8  ? 
primary 'Ehrenberg, M.' 9  ? 
primary 'Frank, J.'     10 ? 
# 
_entity.id                         1 
_entity.type                       polymer 
_entity.src_method                 syn 
_entity.pdbx_description           Phe-tRNA 
_entity.formula_weight             24189.365 
_entity.pdbx_number_of_molecules   1 
_entity.pdbx_ec                    ? 
_entity.pdbx_mutation              ? 
_entity.pdbx_fragment              ? 
_entity.details                    ? 
# 
_entity_poly.entity_id                      1 
_entity_poly.type                           polyribonucleotide 
_entity_poly.nstd_linkage                   no 
_entity_poly.nstd_monomer                   no 
_entity_poly.pdbx_seq_one_letter_code       GCGGAUUUAGCUCAGUUGGGAGAGCGCCAGACUGAAGAUCUGGAGGUCCUGUGUUCGAUCCACAGAAUUCGCACC 
_entity_poly.pdbx_seq_one_letter_code_can   GCGGAUUUAGCUCAGUUGGGAGAGCGCCAGACUGAAGAUCUGGAGGUCCUGUGUUCGAUCCACAGAAUUCGCACC 
_entity_poly.pdbx_strand_id                 B 
_entity_poly.pdbx_target_identifier         ? 
# 
loop_
_entity_poly_seq.entity_id 
_entity_poly_seq.num 
_entity_poly_seq.mon_id 
_entity_poly_seq.hetero 
1 1  G n 
1 2  C n 
1 3  G n 
1 4  G n 
1 5  A n 
1 6  U n 
1 7  U n 
1 8  U n 
1 9  A n 
1 10 G n 
1 11 C n 
1 12 U n 
1 13 C n 
1 14 A n 
1 15 G n 
1 16 U n 
1 17 U n 
1 18 G n 
1 19 G n 
1 20 G n 
1 21 A n 
1 22 G n 
1 23 A n 
1 24 G n 
1 25 C n 
1 26 G n 
1 27 C n 
1 28 C n 
1 29 A n 
1 30 G n 
1 31 A n 
1 32 C n 
1 33 U n 
1 34 G n 
1 35 A n 
1 36 A n 
1 37 G n 
1 38 A n 
1 39 U n 
1 40 C n 
1 41 U n 
1 42 G n 
1 43 G n 
1 44 A n 
1 45 G n 
1 46 G n 
1 47 U n 
1 48 C n 
1 49 C n 
1 50 U n 
1 51 G n 
1 52 U n 
1 53 G n 
1 54 U n 
1 55 U n 
1 56 C n 
1 57 G n 
1 58 A n 
1 59 U n 
1 60 C n 
1 61 C n 
1 62 A n 
1 63 C n 
1 64 A n 
1 65 G n 
1 66 A n 
1 67 A n 
1 68 U n 
1 69 U n 
1 70 C n 
1 71 G n 
1 72 C n 
1 73 A n 
1 74 C n 
1 75 C n 
# 
loop_
_chem_comp.id 
_chem_comp.type 
_chem_comp.mon_nstd_flag 
_chem_comp.name 
_chem_comp.pdbx_synonyms 
_chem_comp.formula 
_chem_comp.formula_weight 
A 'RNA linking' y "ADENOSINE-5'-MONOPHOSPHATE" ? 'C10 H14 N5 O7 P' 347.221 
C 'RNA linking' y "CYTIDINE-5'-MONOPHOSPHATE"  ? 'C9 H14 N3 O8 P'  323.197 
G 'RNA linking' y "GUANOSINE-5'-MONOPHOSPHATE" ? 'C10 H14 N5 O8 P' 363.221 
U 'RNA linking' y "URIDINE-5'-MONOPHOSPHATE"   ? 'C9 H13 N2 O9 P'  324.181 
# 
loop_
_pdbx_poly_seq_scheme.asym_id 
_pdbx_poly_seq_scheme.entity_id 
_pdbx_poly_seq_scheme.seq_id 
_pdbx_poly_seq_scheme.mon_id 
_pdbx_poly_seq_scheme.ndb_seq_num 
_pdbx_poly_seq_scheme.pdb_seq_num 
_pdbx_poly_seq_scheme.auth_seq_num 
_pdbx_poly_seq_scheme.pdb_mon_id 
_pdbx_poly_seq_scheme.auth_mon_id 
_pdbx_poly_seq_scheme.pdb_strand_id 
_pdbx_poly_seq_scheme.pdb_ins_code 
_pdbx_poly_seq_scheme.hetero 
A 1 1  G 1  1  1  G G B . n 
A 1 2  C 2  2  2  C C B . n 
A 1 3  G 3  3  3  G G B . n 
A 1 4  G 4  4  4  G G B . n 
A 1 5  A 5  5  5  A A B . n 
A 1 6  U 6  6  6  U U B . n 
A 1 7  U 7  7  7  U U B . n 
A 1 8  U 8  8  8  U U B . n 
A 1 9  A 9  9  9  A A B . n 
A 1 10 G 10 10 10 G G B . n 
A 1 11 C 11 11 11 C C B . n 
A 1 12 U 12 12 12 U U B . n 
A 1 13 C 13 13 13 C C B . n 
A 1 14 A 14 14 14 A A B . n 
A 1 15 G 15 15 15 G G B . n 
A 1 16 U 16 16 16 U U B . n 
A 1 17 U 17 17 17 U U B . n 
A 1 18 G 18 18 18 G G B . n 
A 1 19 G 19 19 19 G G B . n 
A 1 20 G 20 20 20 G G B . n 
A 1 21 A 21 21 21 A A B . n 
A 1 22 G 22 22 22 G G B . n 
A 1 23 A 23 23 23 A A B . n 
A 1 24 G 24 24 24 G G B . n 
A 1 25 C 25 25 25 C C B . n 
A 1 26 G 26 26 26 G G B . n 
A 1 27 C 27 27 27 C C B . n 
A 1 28 C 28 28 28 C C B . n 
A 1 29 A 29 29 29 A A B . n 
A 1 30 G 30 30 30 G G B . n 
A 1 31 A 31 31 31 A A B . n 
A 1 32 C 32 32 32 C C B . n 
A 1 33 U 33 33 33 U U B . n 
A 1 34 G 34 34 34 G G B . n 
A 1 35 A 35 35 35 A A B . n 
A 1 36 A 36 36 36 A A B . n 
A 1 37 G 37 37 37 G G B . n 
A 1 38 A 38 38 38 A A B . n 
A 1 39 U 39 39 39 U U B . n 
A 1 40 C 40 40 40 C C B . n 
A 1 41 U 41 41 41 U U B . n 
A 1 42 G 42 42 42 G G B . n 
A 1 43 G 43 43 43 G G B . n 
A 1 44 A 44 44 44 A A B . n 
A 1 45 G 45 45 45 G G B . n 
A 1 46 G 46 46 46 G G B . n 
A 1 47 U 47 47 47 U U B . n 
A 1 48 C 48 48 48 C C B . n 
A 1 49 C 49 49 49 C C B . n 
A 1 50 U 50 50 50 U U B . n 
A 1 51 G 51 51 51 G G B . n 
A 1 52 U 52 52 52 U U B . n 
A 1 53 G 53 53 53 G G B . n 
A 1 54 U 54 54 54 U U B . n 
A 1 55 U 55 55 55 U U B . n 
A 1 56 C 56 56 56 C C B . n 
A 1 57 G 57 57 57 G G B . n 
A 1 58 A 58 58 58 A A B . n 
A 1 59 U 59 59 59 U U B . n 
A 1 60 C 60 60 60 C C B . n 
A 1 61 C 61 61 61 C C B . n 
A 1 62 A 62 62 62 A A B . n 
A 1 63 C 63 63 63 C C B . n 
A 1 64 A 64 64 64 A A B . n 
A 1 65 G 65 65 65 G G B . n 
A 1 66 A 66 66 66 A A B . n 
A 1 67 A 67 67 67 A A B . n 
A 1 68 U 68 68 68 U U B . n 
A 1 69 U 69 69 69 U U B . n 
A 1 70 C 70 70 70 C C B . n 
A 1 71 G 71 71 71 G G B . n 
A 1 72 C 72 72 72 C C B . n 
A 1 73 A 73 73 73 A A B . n 
A 1 74 C 74 74 74 C C B . n 
A 1 75 C 75 75 75 C C B . n 
# 
_cell.entry_id           1QZA 
_cell.length_a           1 
_cell.length_b           1 
_cell.length_c           1 
_cell.angle_alpha        90 
_cell.angle_beta         90 
_cell.angle_gamma        90 
_cell.pdbx_unique_axis   ? 
_cell.Z_PDB              1 
_cell.length_a_esd       ? 
_cell.length_b_esd       ? 
_cell.length_c_esd       ? 
_cell.angle_alpha_esd    ? 
_cell.angle_beta_esd     ? 
_cell.angle_gamma_esd    ? 
# 
_symmetry.entry_id                         1QZA 
_symmetry.space_group_name_H-M             'P 1' 
_symmetry.pdbx_full_space_group_name_H-M   ? 
_symmetry.Int_Tables_number                1 
_symmetry.cell_setting                     ? 
# 
_exptl.entry_id          1QZA 
_exptl.method            'ELECTRON MICROSCOPY' 
_exptl.crystals_number   ? 
# 
_refine_hist.pdbx_refine_id                   'ELECTRON MICROSCOPY' 
_refine_hist.cycle_id                         LAST 
_refine_hist.pdbx_number_atoms_protein        0 
_refine_hist.pdbx_number_atoms_nucleic_acid   75 
_refine_hist.pdbx_number_atoms_ligand         0 
_refine_hist.number_atoms_solvent             0 
_refine_hist.number_atoms_total               75 
_refine_hist.d_res_high                       . 
_refine_hist.d_res_low                        . 
# 
_struct.entry_id                  1QZA 
_struct.title                     
'Coordinates of the A/T site tRNA model fitted into the cryo-EM map of EF-Tu ternary complex (GDP.Kirromycin) bound 70S ribosome' 
_struct.pdbx_model_details        ? 
_struct.pdbx_CASP_flag            ? 
_struct.pdbx_model_type_details   ? 
# 
_struct_keywords.entry_id        1QZA 
_struct_keywords.pdbx_keywords   RNA 
_struct_keywords.text            'tRNA model, decoding, A/T-site tRNA., RNA' 
# 
_struct_asym.id                            A 
_struct_asym.pdbx_blank_PDB_chainid_flag   N 
_struct_asym.pdbx_modified                 N 
_struct_asym.entity_id                     1 
_struct_asym.details                       ? 
# 
_struct_ref.id                         1 
_struct_ref.entity_id                  1 
_struct_ref.db_name                    PDB 
_struct_ref.db_code                    1QZA 
_struct_ref.pdbx_db_accession          1QZA 
_struct_ref.pdbx_db_isoform            ? 
_struct_ref.pdbx_seq_one_letter_code   ? 
_struct_ref.pdbx_align_begin           ? 
# 
_struct_ref_seq.align_id                      1 
_struct_ref_seq.ref_id                        1 
_struct_ref_seq.pdbx_PDB_id_code              1QZA 
_struct_ref_seq.pdbx_strand_id                B 
_struct_ref_seq.seq_align_beg                 1 
_struct_ref_seq.pdbx_seq_align_beg_ins_code   ? 
_struct_ref_seq.seq_align_end                 75 
_struct_ref_seq.pdbx_seq_align_end_ins_code   ? 
_struct_ref_seq.pdbx_db_accession             1QZA 
_struct_ref_seq.db_align_beg                  1 
_struct_ref_seq.pdbx_db_align_beg_ins_code    ? 
_struct_ref_seq.db_align_end                  75 
_struct_ref_seq.pdbx_db_align_end_ins_code    ? 
_struct_ref_seq.pdbx_auth_seq_align_beg       1 
_struct_ref_seq.pdbx_auth_seq_align_end       75 
# 
_pdbx_struct_assembly.id                   1 
_pdbx_struct_assembly.details              author_defined_assembly 
_pdbx_struct_assembly.method_details       ? 
_pdbx_struct_assembly.oligomeric_details   monomeric 
_pdbx_struct_assembly.oligomeric_count     1 
# 
_pdbx_struct_assembly_gen.assembly_id       1 
_pdbx_struct_assembly_gen.oper_expression   1 
_pdbx_struct_assembly_gen.asym_id_list      A 
# 
_pdbx_struct_oper_list.id                   1 
_pdbx_struct_oper_list.type                 'identity operation' 
_pdbx_struct_oper_list.name                 1_555 
_pdbx_struct_oper_list.symmetry_operation   x,y,z 
_pdbx_struct_oper_list.matrix[1][1]         1.0000000000 
_pdbx_struct_oper_list.matrix[1][2]         0.0000000000 
_pdbx_struct_oper_list.matrix[1][3]         0.0000000000 
_pdbx_struct_oper_list.vector[1]            0.0000000000 
_pdbx_struct_oper_list.matrix[2][1]         0.0000000000 
_pdbx_struct_oper_list.matrix[2][2]         1.0000000000 
_pdbx_struct_oper_list.matrix[2][3]         0.0000000000 
_pdbx_struct_oper_list.vector[2]            0.0000000000 
_pdbx_struct_oper_list.matrix[3][1]         0.0000000000 
_pdbx_struct_oper_list.matrix[3][2]         0.0000000000 
_pdbx_struct_oper_list.matrix[3][3]         1.0000000000 
_pdbx_struct_oper_list.vector[3]            0.0000000000 
# 
_struct_biol.id                    1 
_struct_biol.pdbx_parent_biol_id   ? 
_struct_biol.details               ? 
# 
_pdbx_database_remark.id     999 
_pdbx_database_remark.text   
;SEQUENCE
THE STRUCTURE CONTAINS P ATOMS ONLY 
;
# 
_em_3d_fitting.id                1 
_em_3d_fitting.entry_id          1QZA 
_em_3d_fitting.ref_protocol      OTHER 
_em_3d_fitting.ref_space         REAL 
_em_3d_fitting.overall_b_value   ? 
_em_3d_fitting.target_criteria   ? 
_em_3d_fitting.details           'METHOD--Manual fitting in O' 
_em_3d_fitting.method            ? 
# 
_em_3d_fitting_list.3d_fitting_id                 1 
_em_3d_fitting_list.id                            1 
_em_3d_fitting_list.pdb_entry_id                  1OB2 
_em_3d_fitting_list.pdb_chain_id                  ? 
_em_3d_fitting_list.details                       ? 
_em_3d_fitting_list.initial_refinement_model_id   1 
_em_3d_fitting_list.chain_id                      ? 
_em_3d_fitting_list.chain_residue_range           ? 
_em_3d_fitting_list.pdb_chain_residue_range       ? 
_em_3d_fitting_list.source_name                   PDB 
_em_3d_fitting_list.type                          'experimental model' 
_em_3d_fitting_list.accession_code                1OB2 
# 
_em_3d_reconstruction.entry_id                    1QZA 
_em_3d_reconstruction.id                          1 
_em_3d_reconstruction.symmetry_type               POINT 
_em_3d_reconstruction.num_particles               75996 
_em_3d_reconstruction.image_processing_id         1 
_em_3d_reconstruction.method                      '3D projection matching; conjugate gradient with regularization' 
_em_3d_reconstruction.nominal_pixel_size          ? 
_em_3d_reconstruction.actual_pixel_size           2.82 
_em_3d_reconstruction.resolution                  10 
_em_3d_reconstruction.magnification_calibration   TMV 
_em_3d_reconstruction.details                     'SPIDER package' 
_em_3d_reconstruction.resolution_method           ? 
_em_3d_reconstruction.num_class_averages          ? 
_em_3d_reconstruction.algorithm                   ? 
# 
_em_buffer.id            1 
_em_buffer.specimen_id   1 
_em_buffer.name          'Polymix buffer' 
_em_buffer.pH            7.5 
_em_buffer.details       'Polymix buffer' 
# 
loop_
_em_entity_assembly.id 
_em_entity_assembly.name 
_em_entity_assembly.type 
_em_entity_assembly.parent_id 
_em_entity_assembly.synonym 
_em_entity_assembly.details 
_em_entity_assembly.oligomeric_details 
1 '70S ribosome' RIBOSOME 0 ? '70S + fMet-tRNA + PhetRNA + EF-Tu + GDP + kir mRNA codes for MP-stop' ? 
2 tRNA           ?        1 ? ?                                                                      ? 
# 
_em_imaging.entry_id                        1QZA 
_em_imaging.id                              1 
_em_imaging.specimen_id                     1 
_em_imaging.date                            ? 
_em_imaging.temperature                     93 
_em_imaging.microscope_model                'FEI TECNAI F20' 
_em_imaging.nominal_defocus_min             2000 
_em_imaging.nominal_defocus_max             4000 
_em_imaging.tilt_angle_min                  0 
_em_imaging.tilt_angle_max                  0 
_em_imaging.nominal_cs                      ? 
_em_imaging.mode                            'BRIGHT FIELD' 
_em_imaging.illumination_mode               'FLOOD BEAM' 
_em_imaging.nominal_magnification           50000 
_em_imaging.calibrated_magnification        49696 
_em_imaging.electron_source                 'FIELD EMISSION GUN' 
_em_imaging.accelerating_voltage            200 
_em_imaging.details                         ? 
_em_imaging.specimen_holder_type            ? 
_em_imaging.specimen_holder_model           ? 
_em_imaging.citation_id                     ? 
_em_imaging.detector_distance               ? 
_em_imaging.recording_temperature_maximum   ? 
_em_imaging.recording_temperature_minimum   ? 
_em_imaging.astigmatism                     ? 
_em_imaging.electron_beam_tilt_params       ? 
# 
_em_sample_support.id               1 
_em_sample_support.specimen_id      1 
_em_sample_support.details          'Quantifoil holley carbon film grids' 
_em_sample_support.film_material    ? 
_em_sample_support.grid_material    ? 
_em_sample_support.grid_mesh_size   ? 
_em_sample_support.grid_type        ? 
_em_sample_support.method           ? 
# 
_em_vitrification.entry_id              1QZA 
_em_vitrification.id                    1 
_em_vitrification.cryogen_name          ETHANE 
_em_vitrification.details               'Rapid-freezing in liquid ethane' 
_em_vitrification.citation_id           ? 
_em_vitrification.humidity              ? 
_em_vitrification.instrument            ? 
_em_vitrification.method                ? 
_em_vitrification.specimen_id           1 
_em_vitrification.temp                  ? 
_em_vitrification.time_resolved_state   ? 
# 
_em_experiment.entry_id                1QZA 
_em_experiment.id                      1 
_em_experiment.aggregation_state       PARTICLE 
_em_experiment.entity_assembly_id      1 
_em_experiment.reconstruction_method   'SINGLE PARTICLE' 
# 
_em_single_particle_entity.entry_id              1QZA 
_em_single_particle_entity.id                    1 
_em_single_particle_entity.point_symmetry        C1 
_em_single_particle_entity.image_processing_id   1 
# 
loop_
_chem_comp_atom.comp_id 
_chem_comp_atom.atom_id 
_chem_comp_atom.type_symbol 
_chem_comp_atom.pdbx_aromatic_flag 
_chem_comp_atom.pdbx_stereo_config 
_chem_comp_atom.pdbx_ordinal 
A OP3    O N N 1   
A P      P N N 2   
A OP1    O N N 3   
A OP2    O N N 4   
A "O5'"  O N N 5   
A "C5'"  C N N 6   
A "C4'"  C N R 7   
A "O4'"  O N N 8   
A "C3'"  C N S 9   
A "O3'"  O N N 10  
A "C2'"  C N R 11  
A "O2'"  O N N 12  
A "C1'"  C N R 13  
A N9     N Y N 14  
A C8     C Y N 15  
A N7     N Y N 16  
A C5     C Y N 17  
A C6     C Y N 18  
A N6     N N N 19  
A N1     N Y N 20  
A C2     C Y N 21  
A N3     N Y N 22  
A C4     C Y N 23  
A HOP3   H N N 24  
A HOP2   H N N 25  
A "H5'"  H N N 26  
A "H5''" H N N 27  
A "H4'"  H N N 28  
A "H3'"  H N N 29  
A "HO3'" H N N 30  
A "H2'"  H N N 31  
A "HO2'" H N N 32  
A "H1'"  H N N 33  
A H8     H N N 34  
A H61    H N N 35  
A H62    H N N 36  
A H2     H N N 37  
C OP3    O N N 38  
C P      P N N 39  
C OP1    O N N 40  
C OP2    O N N 41  
C "O5'"  O N N 42  
C "C5'"  C N N 43  
C "C4'"  C N R 44  
C "O4'"  O N N 45  
C "C3'"  C N S 46  
C "O3'"  O N N 47  
C "C2'"  C N R 48  
C "O2'"  O N N 49  
C "C1'"  C N R 50  
C N1     N N N 51  
C C2     C N N 52  
C O2     O N N 53  
C N3     N N N 54  
C C4     C N N 55  
C N4     N N N 56  
C C5     C N N 57  
C C6     C N N 58  
C HOP3   H N N 59  
C HOP2   H N N 60  
C "H5'"  H N N 61  
C "H5''" H N N 62  
C "H4'"  H N N 63  
C "H3'"  H N N 64  
C "HO3'" H N N 65  
C "H2'"  H N N 66  
C "HO2'" H N N 67  
C "H1'"  H N N 68  
C H41    H N N 69  
C H42    H N N 70  
C H5     H N N 71  
C H6     H N N 72  
G OP3    O N N 73  
G P      P N N 74  
G OP1    O N N 75  
G OP2    O N N 76  
G "O5'"  O N N 77  
G "C5'"  C N N 78  
G "C4'"  C N R 79  
G "O4'"  O N N 80  
G "C3'"  C N S 81  
G "O3'"  O N N 82  
G "C2'"  C N R 83  
G "O2'"  O N N 84  
G "C1'"  C N R 85  
G N9     N Y N 86  
G C8     C Y N 87  
G N7     N Y N 88  
G C5     C Y N 89  
G C6     C N N 90  
G O6     O N N 91  
G N1     N N N 92  
G C2     C N N 93  
G N2     N N N 94  
G N3     N N N 95  
G C4     C Y N 96  
G HOP3   H N N 97  
G HOP2   H N N 98  
G "H5'"  H N N 99  
G "H5''" H N N 100 
G "H4'"  H N N 101 
G "H3'"  H N N 102 
G "HO3'" H N N 103 
G "H2'"  H N N 104 
G "HO2'" H N N 105 
G "H1'"  H N N 106 
G H8     H N N 107 
G H1     H N N 108 
G H21    H N N 109 
G H22    H N N 110 
U OP3    O N N 111 
U P      P N N 112 
U OP1    O N N 113 
U OP2    O N N 114 
U "O5'"  O N N 115 
U "C5'"  C N N 116 
U "C4'"  C N R 117 
U "O4'"  O N N 118 
U "C3'"  C N S 119 
U "O3'"  O N N 120 
U "C2'"  C N R 121 
U "O2'"  O N N 122 
U "C1'"  C N R 123 
U N1     N N N 124 
U C2     C N N 125 
U O2     O N N 126 
U N3     N N N 127 
U C4     C N N 128 
U O4     O N N 129 
U C5     C N N 130 
U C6     C N N 131 
U HOP3   H N N 132 
U HOP2   H N N 133 
U "H5'"  H N N 134 
U "H5''" H N N 135 
U "H4'"  H N N 136 
U "H3'"  H N N 137 
U "HO3'" H N N 138 
U "H2'"  H N N 139 
U "HO2'" H N N 140 
U "H1'"  H N N 141 
U H3     H N N 142 
U H5     H N N 143 
U H6     H N N 144 
# 
loop_
_chem_comp_bond.comp_id 
_chem_comp_bond.atom_id_1 
_chem_comp_bond.atom_id_2 
_chem_comp_bond.value_order 
_chem_comp_bond.pdbx_aromatic_flag 
_chem_comp_bond.pdbx_stereo_config 
_chem_comp_bond.pdbx_ordinal 
A OP3   P      sing N N 1   
A OP3   HOP3   sing N N 2   
A P     OP1    doub N N 3   
A P     OP2    sing N N 4   
A P     "O5'"  sing N N 5   
A OP2   HOP2   sing N N 6   
A "O5'" "C5'"  sing N N 7   
A "C5'" "C4'"  sing N N 8   
A "C5'" "H5'"  sing N N 9   
A "C5'" "H5''" sing N N 10  
A "C4'" "O4'"  sing N N 11  
A "C4'" "C3'"  sing N N 12  
A "C4'" "H4'"  sing N N 13  
A "O4'" "C1'"  sing N N 14  
A "C3'" "O3'"  sing N N 15  
A "C3'" "C2'"  sing N N 16  
A "C3'" "H3'"  sing N N 17  
A "O3'" "HO3'" sing N N 18  
A "C2'" "O2'"  sing N N 19  
A "C2'" "C1'"  sing N N 20  
A "C2'" "H2'"  sing N N 21  
A "O2'" "HO2'" sing N N 22  
A "C1'" N9     sing N N 23  
A "C1'" "H1'"  sing N N 24  
A N9    C8     sing Y N 25  
A N9    C4     sing Y N 26  
A C8    N7     doub Y N 27  
A C8    H8     sing N N 28  
A N7    C5     sing Y N 29  
A C5    C6     sing Y N 30  
A C5    C4     doub Y N 31  
A C6    N6     sing N N 32  
A C6    N1     doub Y N 33  
A N6    H61    sing N N 34  
A N6    H62    sing N N 35  
A N1    C2     sing Y N 36  
A C2    N3     doub Y N 37  
A C2    H2     sing N N 38  
A N3    C4     sing Y N 39  
C OP3   P      sing N N 40  
C OP3   HOP3   sing N N 41  
C P     OP1    doub N N 42  
C P     OP2    sing N N 43  
C P     "O5'"  sing N N 44  
C OP2   HOP2   sing N N 45  
C "O5'" "C5'"  sing N N 46  
C "C5'" "C4'"  sing N N 47  
C "C5'" "H5'"  sing N N 48  
C "C5'" "H5''" sing N N 49  
C "C4'" "O4'"  sing N N 50  
C "C4'" "C3'"  sing N N 51  
C "C4'" "H4'"  sing N N 52  
C "O4'" "C1'"  sing N N 53  
C "C3'" "O3'"  sing N N 54  
C "C3'" "C2'"  sing N N 55  
C "C3'" "H3'"  sing N N 56  
C "O3'" "HO3'" sing N N 57  
C "C2'" "O2'"  sing N N 58  
C "C2'" "C1'"  sing N N 59  
C "C2'" "H2'"  sing N N 60  
C "O2'" "HO2'" sing N N 61  
C "C1'" N1     sing N N 62  
C "C1'" "H1'"  sing N N 63  
C N1    C2     sing N N 64  
C N1    C6     sing N N 65  
C C2    O2     doub N N 66  
C C2    N3     sing N N 67  
C N3    C4     doub N N 68  
C C4    N4     sing N N 69  
C C4    C5     sing N N 70  
C N4    H41    sing N N 71  
C N4    H42    sing N N 72  
C C5    C6     doub N N 73  
C C5    H5     sing N N 74  
C C6    H6     sing N N 75  
G OP3   P      sing N N 76  
G OP3   HOP3   sing N N 77  
G P     OP1    doub N N 78  
G P     OP2    sing N N 79  
G P     "O5'"  sing N N 80  
G OP2   HOP2   sing N N 81  
G "O5'" "C5'"  sing N N 82  
G "C5'" "C4'"  sing N N 83  
G "C5'" "H5'"  sing N N 84  
G "C5'" "H5''" sing N N 85  
G "C4'" "O4'"  sing N N 86  
G "C4'" "C3'"  sing N N 87  
G "C4'" "H4'"  sing N N 88  
G "O4'" "C1'"  sing N N 89  
G "C3'" "O3'"  sing N N 90  
G "C3'" "C2'"  sing N N 91  
G "C3'" "H3'"  sing N N 92  
G "O3'" "HO3'" sing N N 93  
G "C2'" "O2'"  sing N N 94  
G "C2'" "C1'"  sing N N 95  
G "C2'" "H2'"  sing N N 96  
G "O2'" "HO2'" sing N N 97  
G "C1'" N9     sing N N 98  
G "C1'" "H1'"  sing N N 99  
G N9    C8     sing Y N 100 
G N9    C4     sing Y N 101 
G C8    N7     doub Y N 102 
G C8    H8     sing N N 103 
G N7    C5     sing Y N 104 
G C5    C6     sing N N 105 
G C5    C4     doub Y N 106 
G C6    O6     doub N N 107 
G C6    N1     sing N N 108 
G N1    C2     sing N N 109 
G N1    H1     sing N N 110 
G C2    N2     sing N N 111 
G C2    N3     doub N N 112 
G N2    H21    sing N N 113 
G N2    H22    sing N N 114 
G N3    C4     sing N N 115 
U OP3   P      sing N N 116 
U OP3   HOP3   sing N N 117 
U P     OP1    doub N N 118 
U P     OP2    sing N N 119 
U P     "O5'"  sing N N 120 
U OP2   HOP2   sing N N 121 
U "O5'" "C5'"  sing N N 122 
U "C5'" "C4'"  sing N N 123 
U "C5'" "H5'"  sing N N 124 
U "C5'" "H5''" sing N N 125 
U "C4'" "O4'"  sing N N 126 
U "C4'" "C3'"  sing N N 127 
U "C4'" "H4'"  sing N N 128 
U "O4'" "C1'"  sing N N 129 
U "C3'" "O3'"  sing N N 130 
U "C3'" "C2'"  sing N N 131 
U "C3'" "H3'"  sing N N 132 
U "O3'" "HO3'" sing N N 133 
U "C2'" "O2'"  sing N N 134 
U "C2'" "C1'"  sing N N 135 
U "C2'" "H2'"  sing N N 136 
U "O2'" "HO2'" sing N N 137 
U "C1'" N1     sing N N 138 
U "C1'" "H1'"  sing N N 139 
U N1    C2     sing N N 140 
U N1    C6     sing N N 141 
U C2    O2     doub N N 142 
U C2    N3     sing N N 143 
U N3    C4     sing N N 144 
U N3    H3     sing N N 145 
U C4    O4     doub N N 146 
U C4    C5     sing N N 147 
U C5    C6     doub N N 148 
U C5    H5     sing N N 149 
U C6    H6     sing N N 150 
# 
_em_ctf_correction.id        1 
_em_ctf_correction.details   'CTF correction of 3D maps by Wiener filteration' 
_em_ctf_correction.type      . 
# 
_em_image_processing.id                   1 
_em_image_processing.image_recording_id   1 
_em_image_processing.details              ? 
# 
_em_image_recording.details                       ? 
_em_image_recording.id                            1 
_em_image_recording.avg_electron_dose_per_image   20 
_em_image_recording.film_or_detector_model        'KODAK SO-163 FILM' 
_em_image_recording.imaging_id                    1 
_em_image_recording.detector_mode                 ? 
_em_image_recording.average_exposure_time         ? 
_em_image_recording.num_diffraction_images        ? 
_em_image_recording.num_grids_imaged              ? 
_em_image_recording.num_real_images               ? 
# 
_em_specimen.experiment_id           1 
_em_specimen.id                      1 
_em_specimen.concentration           32 
_em_specimen.vitrification_applied   YES 
_em_specimen.staining_applied        NO 
_em_specimen.embedding_applied       NO 
_em_specimen.shadowing_applied       NO 
_em_specimen.details                 ? 
# 
_pdbx_coordinate_model.asym_id   A 
_pdbx_coordinate_model.type      'P ATOMS ONLY' 
# 
_pdbx_initial_refinement_model.id               1 
_pdbx_initial_refinement_model.type             'experimental model' 
_pdbx_initial_refinement_model.source_name      PDB 
_pdbx_initial_refinement_model.accession_code   1OB2 
# 
_atom_sites.entry_id                    1QZA 
_atom_sites.fract_transf_matrix[1][1]   1.000000 
_atom_sites.fract_transf_matrix[1][2]   0.000000 
_atom_sites.fract_transf_matrix[1][3]   0.000000 
_atom_sites.fract_transf_matrix[2][1]   0.000000 
_atom_sites.fract_transf_matrix[2][2]   1.000000 
_atom_sites.fract_transf_matrix[2][3]   0.000000 
_atom_sites.fract_transf_matrix[3][1]   0.000000 
_atom_sites.fract_transf_matrix[3][2]   0.000000 
_atom_sites.fract_transf_matrix[3][3]   1.000000 
_atom_sites.fract_transf_vector[1]      0.00000 
_atom_sites.fract_transf_vector[2]      0.00000 
_atom_sites.fract_transf_vector[3]      0.00000 
# 
_atom_type.symbol   P 
# 
loop_
_atom_site.group_PDB 
_atom_site.id 
_atom_site.type_symbol 
_atom_site.label_atom_id 
_atom_site.label_alt_id 
_atom_site.label_comp_id 
_atom_site.label_asym_id 
_atom_site.label_entity_id 
_atom_site.label_seq_id 
_atom_site.pdbx_PDB_ins_code 
_atom_site.Cartn_x 
_atom_site.Cartn_y 
_atom_site.Cartn_z 
_atom_site.occupancy 
_atom_site.B_iso_or_equiv 
_atom_site.pdbx_formal_charge 
_atom_site.auth_seq_id 
_atom_site.auth_comp_id 
_atom_site.auth_asym_id 
_atom_site.auth_atom_id 
_atom_site.pdbx_PDB_model_num 
ATOM 1  P P . G A 1 1  ? 5.174   33.229  1.010   1.00 37.10 ? 1  G B P 1 
ATOM 2  P P . C A 1 2  ? 0.409   32.888  -1.575  1.00 0.00  ? 2  C B P 1 
ATOM 3  P P . G A 1 3  ? -1.949  29.784  -6.361  1.00 0.00  ? 3  G B P 1 
ATOM 4  P P . G A 1 4  ? -1.579  23.556  -9.701  1.00 0.00  ? 4  G B P 1 
ATOM 5  P P . A A 1 5  ? 0.224   17.156  -11.066 1.00 0.00  ? 5  A B P 1 
ATOM 6  P P . U A 1 6  ? 2.180   11.466  -10.291 1.00 0.00  ? 6  U B P 1 
ATOM 7  P P . U A 1 7  ? 2.883   6.788   -6.419  1.00 0.00  ? 7  U B P 1 
ATOM 8  P P . U A 1 8  ? 3.213   3.499   -1.253  1.00 0.00  ? 8  U B P 1 
ATOM 9  P P . A A 1 9  ? 2.837   -0.699  1.012   1.00 0.00  ? 9  A B P 1 
ATOM 10 P P . G A 1 10 ? 2.161   -4.459  5.325   1.00 0.00  ? 10 G B P 1 
ATOM 11 P P . C A 1 11 ? 6.958   -1.494  3.176   1.00 0.00  ? 11 C B P 1 
ATOM 12 P P . U A 1 12 ? 10.392  -0.453  -1.269  1.00 0.00  ? 12 U B P 1 
ATOM 13 P P . C A 1 13 ? 10.188  -0.169  -7.264  1.00 0.00  ? 13 C B P 1 
ATOM 14 P P . A A 1 14 ? 4.066   -0.639  -10.928 1.00 0.00  ? 14 A B P 1 
ATOM 15 P P . G A 1 15 ? -1.164  -2.457  -14.214 1.00 0.00  ? 15 G B P 1 
ATOM 16 P P . U A 1 16 ? -7.048  -2.472  -14.606 1.00 0.00  ? 16 U B P 1 
ATOM 17 P P . U A 1 17 ? -12.098 0.090   -13.097 1.00 0.00  ? 17 U B P 1 
ATOM 18 P P . G A 1 18 ? -14.573 3.933   -10.027 1.00 0.00  ? 18 G B P 1 
ATOM 19 P P . G A 1 19 ? -14.619 -1.873  -6.820  1.00 0.00  ? 19 G B P 1 
ATOM 20 P P . G A 1 20 ? -16.986 -7.773  -5.159  1.00 0.00  ? 20 G B P 1 
ATOM 21 P P . A A 1 21 ? -12.073 -7.009  -0.555  1.00 0.00  ? 21 A B P 1 
ATOM 22 P P . G A 1 22 ? -6.069  -10.804 -1.855  1.00 0.00  ? 22 G B P 1 
ATOM 23 P P . A A 1 23 ? -1.181  -14.198 -5.169  1.00 0.00  ? 23 A B P 1 
ATOM 24 P P . G A 1 24 ? 3.861   -16.063 -7.330  1.00 0.00  ? 24 G B P 1 
ATOM 25 P P . C A 1 25 ? 9.772   -15.864 -5.657  1.00 0.00  ? 25 C B P 1 
ATOM 26 P P . G A 1 26 ? 13.717  -14.726 -1.384  1.00 0.00  ? 26 G B P 1 
ATOM 27 P P . C A 1 27 ? 14.005  -14.482 4.858   1.00 0.00  ? 27 C B P 1 
ATOM 28 P P . C A 1 28 ? 10.108  -15.613 9.308   1.00 0.00  ? 28 C B P 1 
ATOM 29 P P . A A 1 29 ? 6.682   -18.294 13.419  1.00 0.00  ? 29 A B P 1 
ATOM 30 P P . G A 1 30 ? 5.281   -24.130 15.117  1.00 0.00  ? 30 G B P 1 
ATOM 31 P P . A A 1 31 ? 6.338   -30.092 15.532  1.00 0.00  ? 31 A B P 1 
ATOM 32 P P . C A 1 32 ? 9.604   -32.677 15.300  1.00 0.00  ? 32 C B P 1 
ATOM 33 P P . U A 1 33 ? 15.847  -33.601 16.052  1.00 0.00  ? 33 U B P 1 
ATOM 34 P P . G A 1 34 ? 20.357  -31.673 16.368  1.00 0.00  ? 34 G B P 1 
ATOM 35 P P . A A 1 35 ? 17.645  -26.799 15.126  1.00 0.00  ? 35 A B P 1 
ATOM 36 P P . A A 1 36 ? 16.362  -23.633 9.980   1.00 0.00  ? 36 A B P 1 
ATOM 37 P P . G A 1 37 ? 16.383  -23.413 3.853   1.00 0.00  ? 37 G B P 1 
ATOM 38 P P . A A 1 38 ? 16.107  -26.818 -1.125  1.00 0.00  ? 38 A B P 1 
ATOM 39 P P . U A 1 39 ? 13.060  -31.361 -2.680  1.00 0.00  ? 39 U B P 1 
ATOM 40 P P . C A 1 40 ? 7.687   -32.988 -1.212  1.00 0.00  ? 40 C B P 1 
ATOM 41 P P . U A 1 41 ? 2.980   -32.773 0.874   1.00 0.00  ? 41 U B P 1 
ATOM 42 P P . G A 1 42 ? -1.421  -29.436 1.650   1.00 0.00  ? 42 G B P 1 
ATOM 43 P P . G A 1 43 ? -4.470  -24.096 2.780   1.00 0.00  ? 43 G B P 1 
ATOM 44 P P . A A 1 44 ? -3.965  -17.435 5.146   1.00 0.00  ? 44 A B P 1 
ATOM 45 P P . G A 1 45 ? -3.045  -12.919 7.775   1.00 0.00  ? 45 G B P 1 
ATOM 46 P P . G A 1 46 ? -3.027  -8.109  6.968   1.00 0.00  ? 46 G B P 1 
ATOM 47 P P . U A 1 47 ? -1.778  -2.225  6.803   1.00 0.00  ? 47 U B P 1 
ATOM 48 P P . C A 1 48 ? -6.357  1.540   3.490   1.00 0.00  ? 48 C B P 1 
ATOM 49 P P . C A 1 49 ? -2.604  5.372   -0.838  1.00 0.00  ? 49 C B P 1 
ATOM 50 P P . U A 1 50 ? -4.097  5.755   4.935   1.00 0.00  ? 50 U B P 1 
ATOM 51 P P . G A 1 51 ? -7.126  8.542   9.141   1.00 0.00  ? 51 G B P 1 
ATOM 52 P P . U A 1 52 ? -11.790 11.481  10.745  1.00 0.00  ? 52 U B P 1 
ATOM 53 P P . G A 1 53 ? -17.832 12.814  7.558   1.00 0.00  ? 53 G B P 1 
ATOM 54 P P . U A 1 54 ? -22.310 13.508  3.588   1.00 0.00  ? 54 U B P 1 
ATOM 55 P P . U A 1 55 ? -25.585 11.230  -0.350  1.00 0.00  ? 55 U B P 1 
ATOM 56 P P . C A 1 56 ? -27.994 6.504   -0.958  1.00 0.00  ? 56 C B P 1 
ATOM 57 P P . G A 1 57 ? -24.206 3.721   2.270   1.00 0.00  ? 57 G B P 1 
ATOM 58 P P . A A 1 58 ? -19.001 2.181   2.356   1.00 0.00  ? 58 A B P 1 
ATOM 59 P P . U A 1 59 ? -12.935 1.513   1.130   1.00 0.00  ? 59 U B P 1 
ATOM 60 P P . C A 1 60 ? -11.545 5.531   -2.120  1.00 0.00  ? 60 C B P 1 
ATOM 61 P P . C A 1 61 ? -10.264 9.201   -7.415  1.00 0.00  ? 61 C B P 1 
ATOM 62 P P . A A 1 62 ? -12.930 13.990  -7.531  1.00 0.00  ? 62 A B P 1 
ATOM 63 P P . C A 1 63 ? -13.636 19.013  -4.953  1.00 0.00  ? 63 C B P 1 
ATOM 64 P P . A A 1 64 ? -10.915 22.330  -0.499  1.00 0.00  ? 64 A B P 1 
ATOM 65 P P . G A 1 65 ? -6.124  23.532  4.497   1.00 0.00  ? 65 G B P 1 
ATOM 66 P P . A A 1 66 ? -0.045  21.687  7.041   1.00 0.00  ? 66 A B P 1 
ATOM 67 P P . A A 1 67 ? 5.338   19.515  7.346   1.00 0.00  ? 67 A B P 1 
ATOM 68 P P . U A 1 68 ? 10.553  17.091  4.726   1.00 0.00  ? 68 U B P 1 
ATOM 69 P P . U A 1 69 ? 13.772  15.493  -0.063  1.00 0.00  ? 69 U B P 1 
ATOM 70 P P . C A 1 70 ? 14.578  17.719  -6.701  1.00 0.00  ? 70 C B P 1 
ATOM 71 P P . G A 1 71 ? 13.312  20.215  -12.013 1.00 0.00  ? 71 G B P 1 
ATOM 72 P P . C A 1 72 ? 11.394  26.440  -14.675 1.00 0.00  ? 72 C B P 1 
ATOM 73 P P . A A 1 73 ? 9.659   33.095  -13.758 1.00 0.00  ? 73 A B P 1 
ATOM 74 P P . C A 1 74 ? 9.054   39.042  -10.618 1.00 0.00  ? 74 C B P 1 
ATOM 75 P P . C A 1 75 ? 10.202  43.277  -6.746  1.00 0.00  ? 75 C B P 1 
# 
